data_8UIP
#
_entry.id   8UIP
#
_entity_poly.entity_id   1
_entity_poly.type   'polypeptide(L)'
_entity_poly.pdbx_seq_one_letter_code
;MDSGTEEYELNGGLPPGTPGSPDASPARWGWRHGPINVNHYASKKSAAESMLDIALLMANASQLKAVVEQGPSFAFYVPL
VVLISISLVLQIGVGVLLIFLVKYDLNNPAKHAKLDFLNNLATGLVFIIVVVNIFITAFGVQKPLMDMAPQQ
;
_entity_poly.pdbx_strand_id   A,B,C
#
# COMPACT_ATOMS: atom_id res chain seq x y z
N ASN A 39 44.80 -11.30 -3.62
CA ASN A 39 44.38 -12.18 -4.71
C ASN A 39 42.93 -11.93 -5.11
N HIS A 40 42.67 -12.01 -6.41
CA HIS A 40 41.32 -11.79 -6.91
C HIS A 40 40.37 -12.89 -6.45
N TYR A 41 40.92 -14.05 -6.10
CA TYR A 41 40.13 -15.20 -5.67
C TYR A 41 39.22 -14.84 -4.51
N ALA A 42 37.92 -14.87 -4.77
CA ALA A 42 36.88 -14.62 -3.78
C ALA A 42 36.98 -13.22 -3.18
N SER A 43 37.90 -12.40 -3.67
CA SER A 43 38.02 -11.02 -3.24
C SER A 43 37.65 -10.05 -4.34
N LYS A 44 38.34 -10.11 -5.49
CA LYS A 44 37.81 -9.38 -6.61
C LYS A 44 36.62 -10.09 -7.23
N LYS A 45 36.47 -11.38 -6.99
CA LYS A 45 35.20 -12.00 -7.34
C LYS A 45 34.11 -11.49 -6.41
N SER A 46 34.45 -11.24 -5.14
CA SER A 46 33.52 -10.57 -4.26
C SER A 46 33.18 -9.19 -4.80
N ALA A 47 34.18 -8.47 -5.30
CA ALA A 47 33.90 -7.19 -5.95
C ALA A 47 33.00 -7.38 -7.16
N ALA A 48 33.24 -8.44 -7.94
CA ALA A 48 32.42 -8.71 -9.10
C ALA A 48 30.96 -8.91 -8.71
N GLU A 49 30.74 -9.58 -7.58
CA GLU A 49 29.39 -9.78 -7.05
C GLU A 49 28.90 -8.63 -6.18
N SER A 50 29.74 -7.60 -5.97
CA SER A 50 29.49 -6.56 -4.97
C SER A 50 29.33 -7.17 -3.58
N MET A 51 29.98 -8.33 -3.37
CA MET A 51 29.97 -9.14 -2.16
C MET A 51 28.61 -9.82 -1.99
N LEU A 52 27.62 -9.31 -2.71
CA LEU A 52 26.30 -9.90 -2.85
C LEU A 52 25.56 -9.04 -3.85
N ASP A 53 24.81 -9.66 -4.76
CA ASP A 53 24.10 -8.87 -5.74
C ASP A 53 22.93 -8.16 -5.07
N ILE A 54 22.45 -7.11 -5.74
CA ILE A 54 21.30 -6.38 -5.22
C ILE A 54 20.14 -7.35 -5.07
N ALA A 55 19.29 -7.09 -4.08
CA ALA A 55 18.22 -8.00 -3.68
C ALA A 55 17.32 -8.41 -4.84
N LEU A 56 17.30 -7.61 -5.92
CA LEU A 56 16.61 -8.04 -7.13
C LEU A 56 17.17 -9.35 -7.64
N LEU A 57 18.50 -9.46 -7.68
CA LEU A 57 19.11 -10.66 -8.21
C LEU A 57 18.97 -11.84 -7.27
N MET A 58 18.63 -11.60 -6.00
CA MET A 58 18.29 -12.71 -5.12
C MET A 58 17.04 -13.42 -5.59
N ALA A 59 15.97 -12.65 -5.83
CA ALA A 59 14.76 -13.23 -6.41
C ALA A 59 15.03 -13.80 -7.79
N ASN A 60 15.85 -13.09 -8.58
CA ASN A 60 16.21 -13.56 -9.91
C ASN A 60 16.85 -14.95 -9.84
N ALA A 61 17.81 -15.14 -8.94
CA ALA A 61 18.53 -16.41 -8.85
C ALA A 61 17.66 -17.51 -8.24
N SER A 62 16.80 -17.17 -7.29
CA SER A 62 15.89 -18.18 -6.74
C SER A 62 14.96 -18.72 -7.82
N GLN A 63 14.28 -17.81 -8.53
CA GLN A 63 13.44 -18.24 -9.64
C GLN A 63 14.27 -18.89 -10.74
N LEU A 64 15.53 -18.47 -10.89
CA LEU A 64 16.42 -19.05 -11.87
C LEU A 64 16.65 -20.52 -11.60
N LYS A 65 16.98 -20.87 -10.36
CA LYS A 65 17.13 -22.29 -10.02
C LYS A 65 15.81 -23.03 -10.19
N ALA A 66 14.71 -22.42 -9.72
CA ALA A 66 13.41 -23.07 -9.79
C ALA A 66 13.05 -23.44 -11.23
N VAL A 67 13.44 -22.62 -12.19
CA VAL A 67 13.17 -22.93 -13.60
C VAL A 67 14.30 -23.74 -14.24
N VAL A 68 15.53 -23.64 -13.74
CA VAL A 68 16.61 -24.50 -14.23
C VAL A 68 16.27 -25.95 -13.96
N GLU A 69 15.47 -26.22 -12.93
CA GLU A 69 14.88 -27.54 -12.83
C GLU A 69 14.22 -27.92 -14.15
N GLN A 70 13.17 -27.18 -14.51
CA GLN A 70 12.57 -27.13 -15.85
C GLN A 70 11.45 -26.11 -15.77
N GLY A 71 11.15 -25.47 -16.89
CA GLY A 71 10.10 -24.48 -16.92
C GLY A 71 9.74 -23.99 -18.31
N PRO A 72 8.44 -23.99 -18.63
CA PRO A 72 7.96 -23.37 -19.87
C PRO A 72 7.46 -21.94 -19.70
N SER A 73 7.68 -21.31 -18.54
CA SER A 73 7.11 -20.00 -18.24
C SER A 73 7.50 -18.96 -19.28
N PHE A 74 6.49 -18.40 -19.95
CA PHE A 74 6.73 -17.35 -20.93
C PHE A 74 7.37 -16.12 -20.27
N ALA A 75 6.94 -15.80 -19.05
CA ALA A 75 7.54 -14.70 -18.32
C ALA A 75 9.00 -14.99 -17.98
N PHE A 76 9.24 -16.14 -17.36
CA PHE A 76 10.59 -16.52 -16.97
C PHE A 76 11.23 -17.45 -17.97
N TYR A 77 11.18 -17.13 -19.27
CA TYR A 77 12.07 -17.82 -20.21
C TYR A 77 13.47 -17.21 -20.18
N VAL A 78 13.58 -15.95 -20.60
CA VAL A 78 14.87 -15.27 -20.57
C VAL A 78 14.77 -13.87 -19.98
N PRO A 79 14.26 -13.69 -18.77
CA PRO A 79 14.30 -12.37 -18.12
C PRO A 79 15.56 -12.13 -17.30
N LEU A 80 16.46 -13.11 -17.25
CA LEU A 80 17.69 -12.95 -16.47
C LEU A 80 18.51 -11.78 -16.97
N VAL A 81 18.58 -11.62 -18.29
CA VAL A 81 19.37 -10.55 -18.89
C VAL A 81 18.84 -9.19 -18.46
N VAL A 82 17.53 -9.01 -18.50
CA VAL A 82 16.94 -7.71 -18.23
C VAL A 82 17.16 -7.31 -16.77
N LEU A 83 16.97 -8.25 -15.85
CA LEU A 83 16.93 -7.91 -14.43
C LEU A 83 18.25 -7.32 -13.97
N ILE A 84 19.37 -7.94 -14.34
CA ILE A 84 20.67 -7.39 -14.00
C ILE A 84 20.89 -6.06 -14.71
N SER A 85 20.50 -5.99 -15.98
CA SER A 85 20.64 -4.75 -16.74
C SER A 85 19.92 -3.60 -16.06
N ILE A 86 18.74 -3.86 -15.52
CA ILE A 86 18.04 -2.86 -14.73
C ILE A 86 18.76 -2.57 -13.43
N SER A 87 19.26 -3.62 -12.79
CA SER A 87 19.97 -3.49 -11.52
C SER A 87 21.23 -2.65 -11.63
N LEU A 88 21.74 -2.44 -12.85
CA LEU A 88 22.95 -1.65 -13.04
C LEU A 88 22.88 -0.31 -12.31
N VAL A 89 21.96 0.57 -12.73
CA VAL A 89 21.92 1.93 -12.21
C VAL A 89 21.69 1.92 -10.71
N LEU A 90 20.95 0.94 -10.22
CA LEU A 90 20.69 0.84 -8.79
C LEU A 90 21.94 0.41 -8.04
N GLN A 91 22.82 -0.34 -8.71
CA GLN A 91 23.91 -1.03 -8.02
C GLN A 91 24.83 -0.05 -7.32
N ILE A 92 25.16 1.07 -7.96
CA ILE A 92 26.06 2.04 -7.34
C ILE A 92 25.49 2.48 -6.00
N GLY A 93 24.25 2.97 -6.01
CA GLY A 93 23.66 3.45 -4.78
C GLY A 93 23.55 2.37 -3.73
N VAL A 94 23.10 1.17 -4.11
CA VAL A 94 22.84 0.14 -3.11
C VAL A 94 24.16 -0.36 -2.51
N GLY A 95 25.17 -0.57 -3.34
CA GLY A 95 26.46 -1.00 -2.85
C GLY A 95 27.09 0.02 -1.94
N VAL A 96 27.11 1.29 -2.36
CA VAL A 96 27.71 2.29 -1.49
C VAL A 96 26.92 2.47 -0.22
N LEU A 97 25.59 2.32 -0.29
CA LEU A 97 24.77 2.43 0.90
C LEU A 97 24.94 1.24 1.82
N LEU A 98 25.40 0.10 1.29
CA LEU A 98 25.77 -1.03 2.12
C LEU A 98 27.20 -1.01 2.59
N ILE A 99 28.05 -0.20 1.96
CA ILE A 99 29.46 -0.14 2.36
C ILE A 99 29.58 0.24 3.83
N PHE A 100 29.11 1.45 4.17
CA PHE A 100 29.18 1.89 5.56
C PHE A 100 28.19 1.15 6.45
N LEU A 101 27.14 0.57 5.87
CA LEU A 101 26.24 -0.26 6.65
C LEU A 101 26.92 -1.59 6.98
N VAL A 102 26.45 -2.22 8.07
CA VAL A 102 27.05 -3.47 8.51
C VAL A 102 26.86 -4.55 7.46
N LYS A 103 27.88 -5.40 7.33
CA LYS A 103 27.82 -6.54 6.42
C LYS A 103 27.06 -7.72 7.00
N TYR A 104 26.82 -7.72 8.31
CA TYR A 104 26.07 -8.81 8.92
C TYR A 104 24.56 -8.59 8.79
N ASP A 105 24.10 -7.40 9.19
CA ASP A 105 22.69 -7.03 9.18
C ASP A 105 21.83 -7.97 10.02
N LEU A 106 22.46 -8.83 10.82
CA LEU A 106 21.75 -9.69 11.77
C LEU A 106 21.93 -9.18 13.20
N ASN A 107 22.39 -7.95 13.35
CA ASN A 107 22.61 -7.40 14.68
C ASN A 107 21.29 -7.13 15.38
N ASN A 108 20.36 -6.47 14.70
CA ASN A 108 19.09 -6.16 15.31
C ASN A 108 18.02 -5.96 14.25
N PRO A 109 16.76 -6.29 14.54
CA PRO A 109 15.67 -5.80 13.70
C PRO A 109 15.62 -4.28 13.65
N ALA A 110 16.16 -3.61 14.67
CA ALA A 110 16.28 -2.16 14.65
C ALA A 110 17.12 -1.68 13.48
N LYS A 111 17.97 -2.54 12.92
CA LYS A 111 18.72 -2.18 11.73
C LYS A 111 17.81 -1.83 10.57
N HIS A 112 16.55 -2.25 10.62
CA HIS A 112 15.58 -1.87 9.59
C HIS A 112 15.53 -0.36 9.40
N ALA A 113 15.70 0.42 10.48
CA ALA A 113 15.70 1.87 10.34
C ALA A 113 16.85 2.35 9.48
N LYS A 114 18.07 1.93 9.80
CA LYS A 114 19.19 2.22 8.91
C LYS A 114 18.96 1.56 7.56
N LEU A 115 18.44 0.34 7.57
CA LEU A 115 17.96 -0.25 6.33
C LEU A 115 16.91 0.64 5.68
N ASP A 116 16.02 1.23 6.47
CA ASP A 116 15.06 2.16 5.92
C ASP A 116 15.69 3.51 5.56
N PHE A 117 16.74 3.91 6.26
CA PHE A 117 17.46 5.11 5.84
C PHE A 117 18.04 4.93 4.45
N LEU A 118 18.58 3.75 4.18
CA LEU A 118 18.93 3.34 2.82
C LEU A 118 17.69 3.27 1.93
N ASN A 119 16.59 2.78 2.48
CA ASN A 119 15.37 2.61 1.71
C ASN A 119 14.76 3.93 1.27
N ASN A 120 15.15 5.04 1.87
CA ASN A 120 14.62 6.33 1.45
C ASN A 120 14.77 6.51 -0.06
N LEU A 121 15.90 6.10 -0.62
CA LEU A 121 16.03 6.07 -2.07
C LEU A 121 16.02 4.66 -2.63
N ALA A 122 16.23 3.64 -1.80
CA ALA A 122 16.07 2.28 -2.31
C ALA A 122 14.63 2.03 -2.77
N THR A 123 13.65 2.64 -2.13
CA THR A 123 12.28 2.53 -2.61
C THR A 123 12.07 3.38 -3.85
N GLY A 124 12.78 4.51 -3.96
CA GLY A 124 12.79 5.23 -5.21
C GLY A 124 13.34 4.40 -6.35
N LEU A 125 14.25 3.48 -6.04
CA LEU A 125 14.69 2.49 -7.01
C LEU A 125 13.66 1.39 -7.22
N VAL A 126 12.93 1.02 -6.16
CA VAL A 126 11.87 0.03 -6.30
C VAL A 126 10.80 0.54 -7.24
N PHE A 127 10.59 1.86 -7.26
CA PHE A 127 9.85 2.51 -8.32
C PHE A 127 10.29 1.99 -9.68
N ILE A 128 11.59 2.15 -9.98
CA ILE A 128 12.11 1.74 -11.27
C ILE A 128 11.94 0.25 -11.45
N ILE A 129 12.10 -0.51 -10.38
CA ILE A 129 11.99 -1.96 -10.46
C ILE A 129 10.61 -2.36 -10.94
N VAL A 130 9.58 -1.83 -10.28
CA VAL A 130 8.21 -2.19 -10.64
C VAL A 130 7.84 -1.59 -11.99
N VAL A 131 8.40 -0.44 -12.34
CA VAL A 131 8.18 0.11 -13.68
C VAL A 131 8.74 -0.83 -14.73
N VAL A 132 9.89 -1.44 -14.43
CA VAL A 132 10.48 -2.43 -15.33
C VAL A 132 9.58 -3.66 -15.42
N ASN A 133 8.98 -4.04 -14.29
CA ASN A 133 8.00 -5.13 -14.34
C ASN A 133 6.84 -4.79 -15.27
N ILE A 134 6.34 -3.56 -15.18
CA ILE A 134 5.24 -3.13 -16.05
C ILE A 134 5.65 -3.19 -17.51
N PHE A 135 6.86 -2.68 -17.82
CA PHE A 135 7.33 -2.68 -19.20
C PHE A 135 7.52 -4.10 -19.71
N ILE A 136 8.03 -5.00 -18.87
CA ILE A 136 8.20 -6.39 -19.27
C ILE A 136 6.86 -7.04 -19.56
N THR A 137 5.86 -6.79 -18.71
CA THR A 137 4.53 -7.33 -18.96
C THR A 137 3.92 -6.77 -20.23
N ALA A 138 4.13 -5.47 -20.49
CA ALA A 138 3.53 -4.84 -21.67
C ALA A 138 4.13 -5.40 -22.95
N PHE A 139 5.46 -5.51 -23.02
CA PHE A 139 6.12 -6.03 -24.21
C PHE A 139 6.06 -7.56 -24.26
N ASN B 39 24.40 -7.82 3.91
CA ASN B 39 23.92 -8.67 2.83
C ASN B 39 22.53 -8.27 2.37
N HIS B 40 22.31 -8.35 1.05
CA HIS B 40 21.01 -7.99 0.50
C HIS B 40 19.92 -8.95 0.94
N TYR B 41 20.31 -10.16 1.35
CA TYR B 41 19.37 -11.19 1.78
C TYR B 41 18.47 -10.67 2.89
N ALA B 42 17.18 -10.56 2.58
CA ALA B 42 16.15 -10.15 3.52
C ALA B 42 16.39 -8.76 4.08
N SER B 43 17.43 -8.07 3.60
CA SER B 43 17.70 -6.71 3.99
C SER B 43 17.49 -5.73 2.84
N LYS B 44 18.20 -5.91 1.74
CA LYS B 44 17.81 -5.16 0.57
C LYS B 44 16.57 -5.74 -0.08
N LYS B 45 16.26 -7.01 0.20
CA LYS B 45 14.93 -7.48 -0.18
C LYS B 45 13.88 -6.80 0.68
N SER B 46 14.21 -6.56 1.95
CA SER B 46 13.34 -5.75 2.78
C SER B 46 13.18 -4.36 2.19
N ALA B 47 14.27 -3.78 1.71
CA ALA B 47 14.18 -2.50 1.02
C ALA B 47 13.31 -2.62 -0.23
N ALA B 48 13.44 -3.72 -0.97
CA ALA B 48 12.64 -3.95 -2.15
C ALA B 48 11.16 -3.96 -1.82
N GLU B 49 10.82 -4.55 -0.68
CA GLU B 49 9.43 -4.57 -0.21
C GLU B 49 9.06 -3.34 0.61
N SER B 50 10.01 -2.42 0.83
CA SER B 50 9.84 -1.31 1.78
C SER B 50 9.56 -1.85 3.18
N MET B 51 10.05 -3.07 3.45
CA MET B 51 9.90 -3.84 4.68
C MET B 51 8.47 -4.33 4.82
N LEU B 52 7.58 -3.73 4.04
CA LEU B 52 6.19 -4.18 3.87
C LEU B 52 5.60 -3.26 2.82
N ASP B 53 4.83 -3.82 1.90
CA ASP B 53 4.25 -2.98 0.87
C ASP B 53 3.15 -2.10 1.46
N ILE B 54 2.82 -1.04 0.74
CA ILE B 54 1.76 -0.16 1.20
C ILE B 54 0.48 -0.97 1.32
N ALA B 55 -0.37 -0.59 2.27
CA ALA B 55 -1.56 -1.34 2.64
C ALA B 55 -2.45 -1.68 1.46
N LEU B 56 -2.34 -0.93 0.37
CA LEU B 56 -3.03 -1.30 -0.85
C LEU B 56 -2.61 -2.69 -1.31
N LEU B 57 -1.31 -2.96 -1.29
CA LEU B 57 -0.83 -4.24 -1.77
C LEU B 57 -1.15 -5.37 -0.79
N MET B 58 -1.49 -5.04 0.45
CA MET B 58 -1.99 -6.07 1.36
C MET B 58 -3.32 -6.64 0.85
N ALA B 59 -4.28 -5.76 0.55
CA ALA B 59 -5.53 -6.21 -0.07
C ALA B 59 -5.27 -6.85 -1.41
N ASN B 60 -4.34 -6.27 -2.18
CA ASN B 60 -3.99 -6.83 -3.48
C ASN B 60 -3.52 -8.28 -3.36
N ALA B 61 -2.64 -8.57 -2.41
CA ALA B 61 -2.08 -9.90 -2.25
C ALA B 61 -3.09 -10.87 -1.64
N SER B 62 -3.95 -10.40 -0.74
CA SER B 62 -4.99 -11.27 -0.20
C SER B 62 -5.93 -11.72 -1.30
N GLN B 63 -6.48 -10.77 -2.07
CA GLN B 63 -7.32 -11.13 -3.20
C GLN B 63 -6.53 -11.91 -4.24
N LEU B 64 -5.22 -11.65 -4.35
CA LEU B 64 -4.37 -12.38 -5.27
C LEU B 64 -4.35 -13.85 -4.95
N LYS B 65 -4.10 -14.20 -3.69
CA LYS B 65 -4.14 -15.61 -3.29
C LYS B 65 -5.53 -16.19 -3.51
N ALA B 66 -6.57 -15.44 -3.09
CA ALA B 66 -7.93 -15.93 -3.21
C ALA B 66 -8.29 -16.30 -4.64
N VAL B 67 -7.75 -15.56 -5.61
CA VAL B 67 -8.00 -15.89 -7.02
C VAL B 67 -6.97 -16.85 -7.59
N VAL B 68 -5.75 -16.88 -7.05
CA VAL B 68 -4.77 -17.87 -7.46
C VAL B 68 -5.29 -19.27 -7.17
N GLU B 69 -6.14 -19.41 -6.15
CA GLU B 69 -6.91 -20.64 -6.03
C GLU B 69 -7.57 -20.99 -7.37
N GLN B 70 -8.49 -20.14 -7.80
CA GLN B 70 -9.04 -20.07 -9.16
C GLN B 70 -10.02 -18.91 -9.16
N GLY B 71 -10.20 -18.28 -10.31
CA GLY B 71 -11.12 -17.18 -10.42
C GLY B 71 -11.37 -16.69 -11.83
N PRO B 72 -12.64 -16.55 -12.20
CA PRO B 72 -12.99 -15.91 -13.47
C PRO B 72 -13.33 -14.43 -13.37
N SER B 73 -13.08 -13.80 -12.22
CA SER B 73 -13.49 -12.42 -11.99
C SER B 73 -12.94 -11.47 -13.05
N PHE B 74 -13.85 -10.81 -13.77
CA PHE B 74 -13.45 -9.82 -14.77
C PHE B 74 -12.69 -8.67 -14.13
N ALA B 75 -13.12 -8.25 -12.93
CA ALA B 75 -12.41 -7.20 -12.22
C ALA B 75 -11.03 -7.67 -11.81
N PHE B 76 -10.95 -8.81 -11.14
CA PHE B 76 -9.66 -9.33 -10.68
C PHE B 76 -9.10 -10.38 -11.63
N TYR B 77 -9.06 -10.10 -12.94
CA TYR B 77 -8.23 -10.93 -13.82
C TYR B 77 -6.78 -10.47 -13.76
N VAL B 78 -6.50 -9.26 -14.19
CA VAL B 78 -5.12 -8.74 -14.14
C VAL B 78 -5.08 -7.31 -13.60
N PRO B 79 -5.61 -7.03 -12.41
CA PRO B 79 -5.43 -5.70 -11.81
C PRO B 79 -4.19 -5.59 -10.94
N LEU B 80 -3.41 -6.67 -10.82
CA LEU B 80 -2.21 -6.64 -10.00
C LEU B 80 -1.24 -5.59 -10.50
N VAL B 81 -1.10 -5.48 -11.82
CA VAL B 81 -0.15 -4.55 -12.42
C VAL B 81 -0.53 -3.11 -12.05
N VAL B 82 -1.81 -2.78 -12.15
CA VAL B 82 -2.25 -1.40 -11.93
C VAL B 82 -2.04 -0.98 -10.48
N LEU B 83 -2.38 -1.86 -9.55
CA LEU B 83 -2.42 -1.47 -8.14
C LEU B 83 -1.06 -1.03 -7.64
N ILE B 84 -0.01 -1.80 -7.95
CA ILE B 84 1.34 -1.39 -7.57
C ILE B 84 1.74 -0.12 -8.31
N SER B 85 1.40 -0.04 -9.60
CA SER B 85 1.73 1.14 -10.39
C SER B 85 1.13 2.39 -9.77
N ILE B 86 -0.10 2.29 -9.28
CA ILE B 86 -0.70 3.40 -8.55
C ILE B 86 0.01 3.64 -7.23
N SER B 87 0.35 2.57 -6.53
CA SER B 87 1.02 2.65 -5.25
C SER B 87 2.38 3.33 -5.34
N LEU B 88 2.95 3.42 -6.52
CA LEU B 88 4.26 4.07 -6.69
C LEU B 88 4.32 5.44 -6.00
N VAL B 89 3.53 6.40 -6.49
CA VAL B 89 3.64 7.77 -6.01
C VAL B 89 3.35 7.85 -4.53
N LEU B 90 2.47 6.98 -4.03
CA LEU B 90 2.16 6.95 -2.62
C LEU B 90 3.31 6.40 -1.79
N GLN B 91 4.12 5.53 -2.41
CA GLN B 91 5.09 4.74 -1.66
C GLN B 91 6.10 5.63 -0.94
N ILE B 92 6.58 6.67 -1.61
CA ILE B 92 7.57 7.54 -0.98
C ILE B 92 7.01 8.10 0.32
N GLY B 93 5.84 8.73 0.25
CA GLY B 93 5.26 9.32 1.44
C GLY B 93 4.99 8.30 2.52
N VAL B 94 4.41 7.16 2.14
CA VAL B 94 4.00 6.20 3.17
C VAL B 94 5.22 5.57 3.83
N GLY B 95 6.23 5.21 3.05
CA GLY B 95 7.43 4.64 3.61
C GLY B 95 8.15 5.61 4.51
N VAL B 96 8.34 6.86 4.06
CA VAL B 96 9.03 7.81 4.92
C VAL B 96 8.21 8.12 6.15
N LEU B 97 6.89 8.13 6.03
CA LEU B 97 6.04 8.37 7.18
C LEU B 97 6.02 7.20 8.14
N LEU B 98 6.36 6.01 7.67
CA LEU B 98 6.55 4.87 8.55
C LEU B 98 7.97 4.73 9.07
N ILE B 99 8.93 5.41 8.46
CA ILE B 99 10.32 5.31 8.91
C ILE B 99 10.43 5.73 10.36
N PHE B 100 10.10 7.00 10.66
CA PHE B 100 10.17 7.47 12.03
C PHE B 100 9.07 6.88 12.91
N LEU B 101 7.97 6.42 12.30
CA LEU B 101 6.95 5.73 13.07
C LEU B 101 7.45 4.34 13.47
N VAL B 102 6.86 3.81 14.54
CA VAL B 102 7.30 2.52 15.06
C VAL B 102 7.01 1.43 14.03
N LYS B 103 7.92 0.46 13.97
CA LYS B 103 7.76 -0.69 13.09
C LYS B 103 6.84 -1.74 13.67
N TYR B 104 6.56 -1.69 14.97
CA TYR B 104 5.66 -2.65 15.58
C TYR B 104 4.20 -2.26 15.39
N ASP B 105 3.87 -1.01 15.73
CA ASP B 105 2.51 -0.47 15.64
C ASP B 105 1.51 -1.27 16.48
N LEU B 106 2.00 -2.17 17.34
CA LEU B 106 1.16 -2.91 18.28
C LEU B 106 1.35 -2.38 19.68
N ASN B 107 1.95 -1.20 19.82
CA ASN B 107 2.18 -0.64 21.15
C ASN B 107 0.88 -0.20 21.79
N ASN B 108 0.07 0.55 21.05
CA ASN B 108 -1.19 1.03 21.59
C ASN B 108 -2.18 1.33 20.49
N PRO B 109 -3.48 1.17 20.74
CA PRO B 109 -4.47 1.76 19.83
C PRO B 109 -4.33 3.26 19.73
N ALA B 110 -3.75 3.90 20.76
CA ALA B 110 -3.45 5.32 20.71
C ALA B 110 -2.53 5.66 19.56
N LYS B 111 -1.77 4.68 19.05
CA LYS B 111 -0.93 4.91 17.88
C LYS B 111 -1.75 5.32 16.68
N HIS B 112 -3.06 5.06 16.69
CA HIS B 112 -3.92 5.51 15.61
C HIS B 112 -3.78 7.02 15.37
N ALA B 113 -3.56 7.80 16.44
CA ALA B 113 -3.39 9.24 16.25
C ALA B 113 -2.15 9.55 15.43
N LYS B 114 -1.00 9.00 15.82
CA LYS B 114 0.17 9.12 14.96
C LYS B 114 -0.08 8.44 13.61
N LEU B 115 -0.75 7.30 13.65
CA LEU B 115 -1.25 6.72 12.40
C LEU B 115 -2.15 7.71 11.68
N ASP B 116 -3.00 8.43 12.42
CA ASP B 116 -3.81 9.46 11.79
C ASP B 116 -3.02 10.70 11.43
N PHE B 117 -1.94 11.00 12.17
CA PHE B 117 -1.08 12.09 11.74
C PHE B 117 -0.48 11.79 10.38
N LEU B 118 -0.06 10.54 10.16
CA LEU B 118 0.28 10.05 8.84
C LEU B 118 -0.92 10.10 7.89
N ASN B 119 -2.09 9.76 8.41
CA ASN B 119 -3.30 9.73 7.60
C ASN B 119 -3.72 11.08 7.09
N ASN B 120 -3.23 12.16 7.68
CA ASN B 120 -3.58 13.49 7.20
C ASN B 120 -3.36 13.59 5.69
N LEU B 121 -2.25 13.03 5.19
CA LEU B 121 -2.08 12.94 3.74
C LEU B 121 -2.23 11.52 3.23
N ALA B 122 -2.20 10.51 4.10
CA ALA B 122 -2.50 9.17 3.63
C ALA B 122 -3.92 9.07 3.11
N THR B 123 -4.86 9.83 3.69
CA THR B 123 -6.22 9.86 3.16
C THR B 123 -6.27 10.69 1.89
N GLY B 124 -5.43 11.72 1.77
CA GLY B 124 -5.28 12.39 0.50
C GLY B 124 -4.79 11.45 -0.58
N LEU B 125 -4.01 10.44 -0.21
CA LEU B 125 -3.66 9.38 -1.13
C LEU B 125 -4.81 8.41 -1.35
N VAL B 126 -5.62 8.16 -0.31
CA VAL B 126 -6.78 7.29 -0.47
C VAL B 126 -7.75 7.90 -1.47
N PHE B 127 -7.79 9.23 -1.53
CA PHE B 127 -8.41 9.93 -2.65
C PHE B 127 -7.98 9.32 -3.98
N ILE B 128 -6.67 9.31 -4.22
CA ILE B 128 -6.15 8.80 -5.48
C ILE B 128 -6.50 7.33 -5.63
N ILE B 129 -6.46 6.59 -4.52
CA ILE B 129 -6.75 5.15 -4.56
C ILE B 129 -8.15 4.91 -5.09
N VAL B 130 -9.13 5.59 -4.48
CA VAL B 130 -10.51 5.39 -4.89
C VAL B 130 -10.76 5.98 -6.28
N VAL B 131 -10.05 7.04 -6.64
CA VAL B 131 -10.17 7.56 -7.99
C VAL B 131 -9.67 6.52 -8.99
N VAL B 132 -8.62 5.80 -8.63
CA VAL B 132 -8.13 4.71 -9.47
C VAL B 132 -9.16 3.60 -9.56
N ASN B 133 -9.85 3.32 -8.45
CA ASN B 133 -10.94 2.37 -8.50
C ASN B 133 -12.03 2.81 -9.48
N ILE B 134 -12.37 4.09 -9.46
CA ILE B 134 -13.38 4.63 -10.38
C ILE B 134 -12.92 4.47 -11.82
N PHE B 135 -11.66 4.81 -12.10
CA PHE B 135 -11.13 4.70 -13.45
C PHE B 135 -11.10 3.25 -13.92
N ILE B 136 -10.74 2.33 -13.03
CA ILE B 136 -10.71 0.92 -13.38
C ILE B 136 -12.11 0.43 -13.71
N THR B 137 -13.11 0.83 -12.91
CA THR B 137 -14.49 0.43 -13.19
C THR B 137 -14.97 1.03 -14.51
N ALA B 138 -14.60 2.28 -14.79
CA ALA B 138 -15.06 2.94 -16.02
C ALA B 138 -14.49 2.26 -17.26
N PHE B 139 -13.20 2.00 -17.27
CA PHE B 139 -12.56 1.35 -18.42
C PHE B 139 -12.80 -0.15 -18.41
N ASN C 39 5.12 -1.69 10.89
CA ASN C 39 4.62 -2.44 9.75
C ASN C 39 3.29 -1.90 9.25
N HIS C 40 3.12 -1.92 7.93
CA HIS C 40 1.89 -1.42 7.33
C HIS C 40 0.70 -2.30 7.68
N TYR C 41 0.98 -3.56 8.05
CA TYR C 41 -0.05 -4.52 8.40
C TYR C 41 -0.96 -3.99 9.49
N ALA C 42 -2.23 -3.75 9.13
CA ALA C 42 -3.27 -3.30 10.05
C ALA C 42 -2.93 -1.95 10.68
N SER C 43 -1.83 -1.34 10.28
CA SER C 43 -1.46 -0.01 10.75
C SER C 43 -1.53 1.02 9.64
N LYS C 44 -0.79 0.83 8.55
CA LYS C 44 -1.06 1.66 7.41
C LYS C 44 -2.32 1.21 6.68
N LYS C 45 -2.76 -0.03 6.88
CA LYS C 45 -4.10 -0.36 6.43
C LYS C 45 -5.12 0.35 7.28
N SER C 46 -4.83 0.51 8.58
CA SER C 46 -5.68 1.36 9.41
C SER C 46 -5.69 2.78 8.86
N ALA C 47 -4.53 3.28 8.46
CA ALA C 47 -4.49 4.60 7.83
C ALA C 47 -5.31 4.60 6.54
N ALA C 48 -5.22 3.52 5.77
CA ALA C 48 -6.00 3.42 4.53
C ALA C 48 -7.49 3.53 4.81
N GLU C 49 -7.93 2.92 5.91
CA GLU C 49 -9.33 2.99 6.32
C GLU C 49 -9.64 4.22 7.18
N SER C 50 -8.63 5.04 7.48
CA SER C 50 -8.75 6.11 8.48
C SER C 50 -9.12 5.54 9.85
N MET C 51 -8.76 4.28 10.07
CA MET C 51 -9.02 3.47 11.26
C MET C 51 -10.49 3.08 11.31
N LEU C 52 -11.31 3.79 10.53
CA LEU C 52 -12.70 3.48 10.27
C LEU C 52 -13.17 4.48 9.24
N ASP C 53 -13.94 4.03 8.26
CA ASP C 53 -14.41 4.96 7.25
C ASP C 53 -15.46 5.89 7.84
N ILE C 54 -15.66 7.02 7.16
CA ILE C 54 -16.67 7.96 7.61
C ILE C 54 -18.02 7.25 7.65
N ALA C 55 -18.87 7.67 8.58
CA ALA C 55 -20.13 7.01 8.87
C ALA C 55 -21.00 6.79 7.63
N LEU C 56 -20.78 7.58 6.58
CA LEU C 56 -21.44 7.33 5.31
C LEU C 56 -21.12 5.92 4.82
N LEU C 57 -19.84 5.54 4.87
CA LEU C 57 -19.45 4.25 4.36
C LEU C 57 -19.91 3.12 5.26
N MET C 58 -20.29 3.41 6.51
CA MET C 58 -20.90 2.38 7.35
C MET C 58 -22.25 1.95 6.76
N ALA C 59 -23.11 2.92 6.45
CA ALA C 59 -24.36 2.61 5.78
C ALA C 59 -24.10 2.00 4.40
N ASN C 60 -23.09 2.54 3.69
CA ASN C 60 -22.74 2.01 2.39
C ASN C 60 -22.40 0.53 2.47
N ALA C 61 -21.57 0.13 3.44
CA ALA C 61 -21.14 -1.26 3.56
C ALA C 61 -22.25 -2.17 4.07
N SER C 62 -23.11 -1.67 4.97
CA SER C 62 -24.23 -2.47 5.41
C SER C 62 -25.17 -2.80 4.25
N GLN C 63 -25.60 -1.76 3.52
CA GLN C 63 -26.41 -2.00 2.34
C GLN C 63 -25.65 -2.80 1.29
N LEU C 64 -24.32 -2.64 1.25
CA LEU C 64 -23.49 -3.39 0.32
C LEU C 64 -23.60 -4.89 0.58
N LYS C 65 -23.44 -5.31 1.83
CA LYS C 65 -23.61 -6.71 2.16
C LYS C 65 -25.03 -7.16 1.87
N ALA C 66 -26.02 -6.35 2.27
CA ALA C 66 -27.42 -6.72 2.08
C ALA C 66 -27.73 -7.00 0.61
N VAL C 67 -27.10 -6.27 -0.30
CA VAL C 67 -27.32 -6.51 -1.73
C VAL C 67 -26.34 -7.53 -2.31
N VAL C 68 -25.15 -7.69 -1.71
CA VAL C 68 -24.23 -8.75 -2.13
C VAL C 68 -24.88 -10.10 -1.92
N GLU C 69 -25.79 -10.21 -0.96
CA GLU C 69 -26.66 -11.38 -0.93
C GLU C 69 -27.27 -11.61 -2.30
N GLN C 70 -28.12 -10.67 -2.74
CA GLN C 70 -28.59 -10.49 -4.11
C GLN C 70 -29.48 -9.25 -4.09
N GLY C 71 -29.55 -8.57 -5.23
CA GLY C 71 -30.38 -7.38 -5.31
C GLY C 71 -30.52 -6.81 -6.72
N PRO C 72 -31.76 -6.55 -7.13
CA PRO C 72 -32.00 -5.83 -8.38
C PRO C 72 -32.21 -4.33 -8.23
N SER C 73 -31.96 -3.78 -7.03
CA SER C 73 -32.27 -2.38 -6.75
C SER C 73 -31.60 -1.43 -7.74
N PHE C 74 -32.41 -0.66 -8.46
CA PHE C 74 -31.88 0.32 -9.41
C PHE C 74 -31.06 1.37 -8.67
N ALA C 75 -31.52 1.78 -7.48
CA ALA C 75 -30.76 2.73 -6.69
C ALA C 75 -29.43 2.14 -6.24
N PHE C 76 -29.47 0.96 -5.63
CA PHE C 76 -28.26 0.32 -5.14
C PHE C 76 -27.75 -0.73 -6.12
N TYR C 77 -27.63 -0.40 -7.41
CA TYR C 77 -26.83 -1.25 -8.28
C TYR C 77 -25.35 -0.93 -8.15
N VAL C 78 -24.95 0.28 -8.51
CA VAL C 78 -23.54 0.68 -8.38
C VAL C 78 -23.41 2.07 -7.77
N PRO C 79 -23.97 2.34 -6.59
CA PRO C 79 -23.70 3.62 -5.92
C PRO C 79 -22.50 3.59 -5.00
N LEU C 80 -21.82 2.45 -4.91
CA LEU C 80 -20.65 2.34 -4.03
C LEU C 80 -19.57 3.33 -4.44
N VAL C 81 -19.37 3.48 -5.75
CA VAL C 81 -18.33 4.36 -6.25
C VAL C 81 -18.59 5.81 -5.84
N VAL C 82 -19.85 6.24 -5.97
CA VAL C 82 -20.17 7.64 -5.72
C VAL C 82 -20.00 7.98 -4.24
N LEU C 83 -20.45 7.09 -3.35
CA LEU C 83 -20.52 7.43 -1.94
C LEU C 83 -19.15 7.73 -1.36
N ILE C 84 -18.16 6.88 -1.66
CA ILE C 84 -16.79 7.16 -1.21
C ILE C 84 -16.27 8.43 -1.87
N SER C 85 -16.52 8.58 -3.17
CA SER C 85 -16.07 9.77 -3.89
C SER C 85 -16.60 11.03 -3.24
N ILE C 86 -17.85 11.02 -2.79
CA ILE C 86 -18.39 12.14 -2.04
C ILE C 86 -17.73 12.27 -0.69
N SER C 87 -17.50 11.13 -0.03
CA SER C 87 -16.88 11.11 1.29
C SER C 87 -15.48 11.68 1.29
N LEU C 88 -14.84 11.77 0.12
CA LEU C 88 -13.48 12.31 0.05
C LEU C 88 -13.33 13.63 0.80
N VAL C 89 -14.02 14.68 0.33
CA VAL C 89 -13.82 16.01 0.88
C VAL C 89 -14.16 16.05 2.35
N LEU C 90 -15.13 15.24 2.76
CA LEU C 90 -15.51 15.18 4.16
C LEU C 90 -14.45 14.50 5.00
N GLN C 91 -13.69 13.58 4.39
CA GLN C 91 -12.82 12.69 5.13
C GLN C 91 -11.78 13.45 5.93
N ILE C 92 -11.18 14.48 5.34
CA ILE C 92 -10.15 15.24 6.05
C ILE C 92 -10.72 15.78 7.35
N GLY C 93 -11.83 16.51 7.26
CA GLY C 93 -12.42 17.10 8.45
C GLY C 93 -12.81 16.05 9.47
N VAL C 94 -13.47 14.98 9.02
CA VAL C 94 -14.01 14.02 9.97
C VAL C 94 -12.88 13.27 10.66
N GLY C 95 -11.86 12.85 9.90
CA GLY C 95 -10.74 12.15 10.49
C GLY C 95 -9.98 13.02 11.45
N VAL C 96 -9.67 14.26 11.07
CA VAL C 96 -8.94 15.12 12.00
C VAL C 96 -9.79 15.45 13.22
N LEU C 97 -11.10 15.57 13.04
CA LEU C 97 -11.97 15.84 14.17
C LEU C 97 -12.12 14.63 15.07
N LEU C 98 -11.87 13.44 14.56
CA LEU C 98 -11.82 12.24 15.38
C LEU C 98 -10.44 11.96 15.96
N ILE C 99 -9.39 12.59 15.42
CA ILE C 99 -8.04 12.36 15.93
C ILE C 99 -7.96 12.70 17.40
N PHE C 100 -8.20 13.96 17.74
CA PHE C 100 -8.15 14.37 19.14
C PHE C 100 -9.34 13.85 19.93
N LEU C 101 -10.44 13.50 19.27
CA LEU C 101 -11.55 12.86 19.96
C LEU C 101 -11.18 11.43 20.31
N VAL C 102 -11.85 10.91 21.33
CA VAL C 102 -11.56 9.55 21.80
C VAL C 102 -11.88 8.53 20.72
N LYS C 103 -11.06 7.50 20.65
CA LYS C 103 -11.27 6.40 19.70
C LYS C 103 -12.29 5.40 20.20
N TYR C 104 -12.64 5.44 21.49
CA TYR C 104 -13.63 4.51 22.02
C TYR C 104 -15.04 5.05 21.78
N ASP C 105 -15.29 6.30 22.16
CA ASP C 105 -16.59 6.95 22.05
C ASP C 105 -17.69 6.20 22.80
N LEU C 106 -17.31 5.22 23.63
CA LEU C 106 -18.25 4.52 24.51
C LEU C 106 -18.08 4.98 25.95
N ASN C 107 -17.40 6.08 26.17
CA ASN C 107 -17.17 6.57 27.52
C ASN C 107 -18.47 7.09 28.13
N ASN C 108 -19.19 7.95 27.39
CA ASN C 108 -20.41 8.51 27.91
C ASN C 108 -21.33 8.93 26.77
N PRO C 109 -22.65 8.86 26.97
CA PRO C 109 -23.55 9.58 26.06
C PRO C 109 -23.28 11.07 26.03
N ALA C 110 -22.70 11.60 27.11
CA ALA C 110 -22.28 12.99 27.14
C ALA C 110 -21.27 13.31 26.04
N LYS C 111 -20.58 12.29 25.52
CA LYS C 111 -19.68 12.50 24.40
C LYS C 111 -20.40 13.03 23.18
N HIS C 112 -21.72 12.88 23.13
CA HIS C 112 -22.51 13.46 22.05
C HIS C 112 -22.23 14.95 21.88
N ALA C 113 -22.00 15.67 22.98
CA ALA C 113 -21.69 17.09 22.88
C ALA C 113 -20.40 17.33 22.12
N LYS C 114 -19.31 16.67 22.53
CA LYS C 114 -18.10 16.73 21.73
C LYS C 114 -18.34 16.14 20.34
N LEU C 115 -19.11 15.05 20.29
CA LEU C 115 -19.60 14.57 19.01
C LEU C 115 -20.38 15.66 18.29
N ASP C 116 -21.20 16.42 19.02
CA ASP C 116 -21.90 17.54 18.42
C ASP C 116 -21.00 18.73 18.16
N PHE C 117 -19.93 18.90 18.94
CA PHE C 117 -18.96 19.93 18.60
C PHE C 117 -18.32 19.64 17.26
N LEU C 118 -18.01 18.38 17.00
CA LEU C 118 -17.64 17.92 15.66
C LEU C 118 -18.80 18.11 14.69
N ASN C 119 -20.01 17.85 15.13
CA ASN C 119 -21.18 17.95 14.27
C ASN C 119 -21.46 19.35 13.81
N ASN C 120 -20.91 20.37 14.47
CA ASN C 120 -21.13 21.74 14.03
C ASN C 120 -20.83 21.89 12.54
N LEU C 121 -19.76 21.26 12.06
CA LEU C 121 -19.52 21.22 10.62
C LEU C 121 -19.78 19.84 10.03
N ALA C 122 -19.86 18.79 10.85
CA ALA C 122 -20.25 17.50 10.31
C ALA C 122 -21.65 17.55 9.72
N THR C 123 -22.55 18.35 10.31
CA THR C 123 -23.87 18.52 9.72
C THR C 123 -23.80 19.41 8.49
N GLY C 124 -22.88 20.37 8.46
CA GLY C 124 -22.62 21.08 7.22
C GLY C 124 -22.16 20.15 6.12
N LEU C 125 -21.48 19.07 6.48
CA LEU C 125 -21.17 18.02 5.52
C LEU C 125 -22.39 17.15 5.21
N VAL C 126 -23.26 16.93 6.21
CA VAL C 126 -24.48 16.18 5.97
C VAL C 126 -25.35 16.90 4.95
N PHE C 127 -25.29 18.23 4.95
CA PHE C 127 -25.79 19.03 3.84
C PHE C 127 -25.36 18.45 2.51
N ILE C 128 -24.04 18.34 2.32
CA ILE C 128 -23.51 17.84 1.06
C ILE C 128 -23.96 16.41 0.83
N ILE C 129 -24.05 15.63 1.90
CA ILE C 129 -24.44 14.23 1.77
C ILE C 129 -25.84 14.13 1.19
N VAL C 130 -26.79 14.85 1.77
CA VAL C 130 -28.16 14.78 1.31
C VAL C 130 -28.29 15.44 -0.06
N VAL C 131 -27.49 16.48 -0.35
CA VAL C 131 -27.50 17.06 -1.68
C VAL C 131 -27.05 16.03 -2.71
N VAL C 132 -26.07 15.19 -2.33
CA VAL C 132 -25.63 14.12 -3.21
C VAL C 132 -26.75 13.10 -3.38
N ASN C 133 -27.51 12.84 -2.32
CA ASN C 133 -28.67 11.97 -2.47
C ASN C 133 -29.67 12.55 -3.47
N ILE C 134 -29.91 13.85 -3.39
CA ILE C 134 -30.83 14.51 -4.33
C ILE C 134 -30.33 14.38 -5.76
N PHE C 135 -29.02 14.63 -5.96
CA PHE C 135 -28.45 14.54 -7.30
C PHE C 135 -28.51 13.11 -7.83
N ILE C 136 -28.27 12.12 -6.98
CA ILE C 136 -28.34 10.72 -7.39
C ILE C 136 -29.77 10.37 -7.80
N THR C 137 -30.76 10.82 -7.03
CA THR C 137 -32.15 10.56 -7.38
C THR C 137 -32.53 11.25 -8.68
N ALA C 138 -32.04 12.46 -8.90
CA ALA C 138 -32.39 13.21 -10.10
C ALA C 138 -31.82 12.55 -11.36
N PHE C 139 -30.56 12.18 -11.32
CA PHE C 139 -29.92 11.54 -12.47
C PHE C 139 -30.28 10.06 -12.55
#